data_2DDO
#
_entry.id   2DDO
#
_cell.length_a   65.128
_cell.length_b   74.356
_cell.length_c   107.210
_cell.angle_alpha   90.00
_cell.angle_beta   90.00
_cell.angle_gamma   90.00
#
_symmetry.space_group_name_H-M   'P 21 21 21'
#
loop_
_entity.id
_entity.type
_entity.pdbx_description
1 polymer 'Pyridoxine kinase'
2 non-polymer 'MAGNESIUM ION'
3 non-polymer "ADENOSINE-5'-TRIPHOSPHATE"
4 non-polymer 'PHOSPHATE ION'
5 water water
#
_entity_poly.entity_id   1
_entity_poly.type   'polypeptide(L)'
_entity_poly.pdbx_seq_one_letter_code
;MSSLLLFNDKSRALQADIVAVQSQVVYGSVGNSIAVPAIKQNGLNVFAVPTVLLSNTPHYDTFYGGAIPDEWFSGYLRAL
QERDALRQLRAVTTGYMGTASQIKILAEWLTALRKDHPDLLIMVDPVIGDIDSGIYVKPDLPEAYRQYLLPLAQGITPNI
FELEILTGKNCRDLDSAIAAAKSLLSDTLKWVVVTSASGNEENQEMQVVVVTADSVNVISHSRVKTDLKGTGDLFCAQLI
SGLLKGKALTDAVHRAGLRVLEVMRYTQQHESDELILPPLAEA
;
_entity_poly.pdbx_strand_id   A,B
#
# COMPACT_ATOMS: atom_id res chain seq x y z
N LYS A 10 -13.42 -23.24 -10.88
CA LYS A 10 -13.12 -22.49 -9.63
C LYS A 10 -11.69 -22.00 -9.59
N SER A 11 -11.48 -20.82 -9.00
CA SER A 11 -10.15 -20.26 -8.93
C SER A 11 -9.58 -20.29 -7.51
N ARG A 12 -8.25 -20.29 -7.43
CA ARG A 12 -7.61 -20.30 -6.13
C ARG A 12 -7.00 -18.92 -5.88
N ALA A 13 -6.99 -18.09 -6.91
CA ALA A 13 -6.44 -16.74 -6.84
C ALA A 13 -7.30 -15.79 -6.02
N LEU A 14 -6.66 -14.79 -5.41
CA LEU A 14 -7.41 -13.81 -4.61
C LEU A 14 -8.46 -13.10 -5.47
N GLN A 15 -9.52 -12.63 -4.83
CA GLN A 15 -10.59 -11.93 -5.55
C GLN A 15 -10.91 -10.57 -4.93
N ALA A 16 -11.45 -9.66 -5.72
CA ALA A 16 -11.78 -8.32 -5.22
C ALA A 16 -13.04 -7.85 -5.88
N ASP A 17 -13.86 -7.14 -5.12
CA ASP A 17 -15.13 -6.60 -5.61
C ASP A 17 -14.85 -5.30 -6.35
N ILE A 18 -13.81 -4.59 -5.91
CA ILE A 18 -13.45 -3.30 -6.47
C ILE A 18 -12.00 -3.29 -6.93
N VAL A 19 -11.70 -2.41 -7.89
CA VAL A 19 -10.35 -2.21 -8.38
C VAL A 19 -10.24 -0.68 -8.37
N ALA A 20 -9.37 -0.17 -7.51
CA ALA A 20 -9.18 1.25 -7.35
C ALA A 20 -7.92 1.72 -8.06
N VAL A 21 -8.09 2.55 -9.09
CA VAL A 21 -6.95 3.03 -9.84
C VAL A 21 -6.73 4.52 -9.58
N GLN A 22 -5.74 4.81 -8.72
CA GLN A 22 -5.39 6.17 -8.32
C GLN A 22 -4.02 6.35 -7.63
N SER A 23 -3.77 7.56 -7.14
CA SER A 23 -2.50 7.86 -6.48
C SER A 23 -2.26 7.07 -5.20
N GLN A 24 -0.98 6.97 -4.84
CA GLN A 24 -0.53 6.27 -3.65
C GLN A 24 0.62 7.07 -3.02
N VAL A 25 0.57 7.25 -1.71
CA VAL A 25 1.63 7.99 -1.02
C VAL A 25 2.21 7.16 0.10
N VAL A 26 3.53 7.27 0.27
CA VAL A 26 4.24 6.55 1.32
C VAL A 26 3.73 7.10 2.66
N TYR A 27 3.55 8.42 2.72
CA TYR A 27 3.04 9.08 3.91
C TYR A 27 1.79 9.90 3.56
N GLY A 28 0.71 9.71 4.30
CA GLY A 28 -0.48 10.49 4.00
C GLY A 28 -1.74 9.67 3.78
N SER A 29 -2.87 10.35 3.80
CA SER A 29 -4.14 9.67 3.63
C SER A 29 -4.86 10.10 2.38
N VAL A 30 -4.23 9.93 1.22
CA VAL A 30 -4.88 10.32 -0.02
C VAL A 30 -4.79 9.15 -0.97
N GLY A 31 -5.55 9.21 -2.06
CA GLY A 31 -5.53 8.12 -3.04
C GLY A 31 -5.86 6.76 -2.43
N ASN A 32 -5.28 5.69 -2.97
CA ASN A 32 -5.54 4.36 -2.44
C ASN A 32 -5.05 4.22 -1.00
N SER A 33 -4.25 5.17 -0.54
CA SER A 33 -3.74 5.10 0.81
C SER A 33 -4.84 5.20 1.82
N ILE A 34 -5.87 5.95 1.46
CA ILE A 34 -7.00 6.14 2.33
C ILE A 34 -8.18 5.32 1.85
N ALA A 35 -8.30 5.19 0.54
CA ALA A 35 -9.42 4.48 -0.05
C ALA A 35 -9.46 3.00 0.25
N VAL A 36 -8.30 2.33 0.19
CA VAL A 36 -8.29 0.90 0.42
C VAL A 36 -8.76 0.53 1.82
N PRO A 37 -8.16 1.15 2.84
CA PRO A 37 -8.56 0.86 4.19
C PRO A 37 -10.03 1.15 4.41
N ALA A 38 -10.56 2.19 3.74
CA ALA A 38 -11.97 2.55 3.85
C ALA A 38 -12.85 1.45 3.26
N ILE A 39 -12.43 0.94 2.10
CA ILE A 39 -13.16 -0.13 1.43
C ILE A 39 -13.14 -1.39 2.28
N LYS A 40 -12.03 -1.62 2.98
CA LYS A 40 -11.91 -2.78 3.85
C LYS A 40 -12.97 -2.71 4.97
N GLN A 41 -13.08 -1.55 5.62
CA GLN A 41 -14.06 -1.34 6.70
C GLN A 41 -15.48 -1.73 6.32
N ASN A 42 -15.77 -1.62 5.03
CA ASN A 42 -17.07 -1.98 4.50
C ASN A 42 -17.09 -3.45 4.11
N GLY A 43 -16.07 -4.19 4.54
CA GLY A 43 -16.02 -5.60 4.22
C GLY A 43 -15.98 -5.93 2.73
N LEU A 44 -15.11 -5.25 2.00
CA LEU A 44 -14.99 -5.47 0.57
C LEU A 44 -13.52 -5.63 0.20
N ASN A 45 -13.24 -6.43 -0.82
CA ASN A 45 -11.86 -6.62 -1.23
C ASN A 45 -11.53 -5.66 -2.38
N VAL A 46 -10.29 -5.24 -2.47
CA VAL A 46 -9.94 -4.30 -3.52
C VAL A 46 -8.50 -4.45 -3.98
N PHE A 47 -8.25 -4.20 -5.26
CA PHE A 47 -6.88 -4.26 -5.73
C PHE A 47 -6.57 -2.81 -6.08
N ALA A 48 -5.47 -2.28 -5.54
CA ALA A 48 -5.08 -0.90 -5.80
C ALA A 48 -3.99 -0.82 -6.85
N VAL A 49 -4.30 -0.13 -7.94
CA VAL A 49 -3.33 0.07 -9.01
C VAL A 49 -2.93 1.54 -8.94
N PRO A 50 -1.71 1.81 -8.50
CA PRO A 50 -1.20 3.19 -8.39
C PRO A 50 -0.82 3.82 -9.72
N THR A 51 -1.21 5.08 -9.89
CA THR A 51 -0.92 5.83 -11.10
C THR A 51 0.33 6.69 -10.84
N VAL A 52 0.52 7.09 -9.58
CA VAL A 52 1.69 7.86 -9.15
C VAL A 52 2.10 7.40 -7.74
N LEU A 53 3.41 7.40 -7.43
CA LEU A 53 3.85 6.97 -6.11
C LEU A 53 4.70 8.06 -5.46
N LEU A 54 4.04 9.00 -4.82
CA LEU A 54 4.70 10.12 -4.18
C LEU A 54 5.03 9.83 -2.72
N SER A 55 5.87 10.68 -2.14
CA SER A 55 6.25 10.52 -0.74
C SER A 55 5.05 10.95 0.07
N ASN A 56 4.59 12.17 -0.23
CA ASN A 56 3.44 12.80 0.40
C ASN A 56 2.76 13.70 -0.64
N THR A 57 1.71 14.42 -0.26
CA THR A 57 1.00 15.29 -1.19
C THR A 57 1.81 16.54 -1.47
N PRO A 58 1.76 17.04 -2.72
CA PRO A 58 2.50 18.23 -3.14
C PRO A 58 2.16 19.50 -2.36
N HIS A 59 1.19 19.39 -1.45
CA HIS A 59 0.78 20.51 -0.62
C HIS A 59 1.77 20.78 0.51
N TYR A 60 2.86 20.02 0.52
CA TYR A 60 3.90 20.17 1.53
C TYR A 60 5.12 20.87 0.92
N ASP A 61 6.07 21.23 1.77
CA ASP A 61 7.29 21.89 1.35
C ASP A 61 8.04 20.99 0.40
N THR A 62 8.12 19.72 0.77
CA THR A 62 8.84 18.77 -0.03
C THR A 62 7.97 17.61 -0.47
N PHE A 63 8.39 16.93 -1.54
CA PHE A 63 7.68 15.76 -2.03
C PHE A 63 8.54 15.06 -3.07
N TYR A 64 8.53 13.72 -3.06
CA TYR A 64 9.35 12.96 -4.00
C TYR A 64 8.58 11.81 -4.62
N GLY A 65 9.05 11.34 -5.76
CA GLY A 65 8.38 10.26 -6.46
C GLY A 65 7.75 10.78 -7.74
N GLY A 66 6.93 9.97 -8.40
CA GLY A 66 6.30 10.44 -9.63
C GLY A 66 5.24 9.53 -10.22
N ALA A 67 5.03 9.66 -11.52
CA ALA A 67 4.06 8.84 -12.20
C ALA A 67 4.59 7.42 -12.41
N ILE A 68 3.71 6.43 -12.33
CA ILE A 68 4.11 5.06 -12.56
C ILE A 68 4.29 4.92 -14.07
N PRO A 69 5.42 4.37 -14.53
CA PRO A 69 5.73 4.17 -15.95
C PRO A 69 4.61 3.48 -16.71
N ASP A 70 4.37 3.88 -17.94
CA ASP A 70 3.30 3.28 -18.74
C ASP A 70 3.33 1.74 -18.82
N GLU A 71 4.52 1.16 -18.95
CA GLU A 71 4.64 -0.30 -19.01
C GLU A 71 4.25 -0.94 -17.69
N TRP A 72 4.60 -0.28 -16.59
CA TRP A 72 4.26 -0.82 -15.28
C TRP A 72 2.76 -0.79 -15.09
N PHE A 73 2.19 0.40 -15.28
CA PHE A 73 0.75 0.66 -15.14
C PHE A 73 -0.05 -0.27 -16.01
N SER A 74 0.38 -0.39 -17.27
CA SER A 74 -0.27 -1.28 -18.23
C SER A 74 -0.25 -2.70 -17.70
N GLY A 75 0.91 -3.11 -17.17
CA GLY A 75 1.08 -4.45 -16.63
C GLY A 75 0.24 -4.75 -15.42
N TYR A 76 0.22 -3.85 -14.45
CA TYR A 76 -0.56 -4.04 -13.22
C TYR A 76 -1.99 -4.46 -13.59
N LEU A 77 -2.55 -3.80 -14.59
CA LEU A 77 -3.91 -4.10 -15.02
C LEU A 77 -3.99 -5.45 -15.72
N ARG A 78 -3.11 -5.69 -16.68
CA ARG A 78 -3.08 -6.95 -17.42
C ARG A 78 -2.82 -8.10 -16.47
N ALA A 79 -2.00 -7.84 -15.45
CA ALA A 79 -1.70 -8.85 -14.47
C ALA A 79 -2.96 -9.28 -13.75
N LEU A 80 -3.81 -8.34 -13.35
CA LEU A 80 -5.04 -8.71 -12.65
C LEU A 80 -5.88 -9.69 -13.47
N GLN A 81 -5.73 -9.62 -14.79
CA GLN A 81 -6.46 -10.49 -15.68
C GLN A 81 -5.77 -11.84 -15.82
N GLU A 82 -4.47 -11.81 -16.10
CA GLU A 82 -3.67 -13.03 -16.28
C GLU A 82 -3.64 -13.88 -15.03
N ARG A 83 -3.89 -13.23 -13.90
CA ARG A 83 -3.93 -13.85 -12.59
C ARG A 83 -5.34 -14.39 -12.33
N ASP A 84 -6.31 -13.92 -13.11
CA ASP A 84 -7.68 -14.35 -12.98
C ASP A 84 -8.21 -14.03 -11.57
N ALA A 85 -8.06 -12.78 -11.17
CA ALA A 85 -8.50 -12.34 -9.85
C ALA A 85 -9.66 -11.37 -9.98
N LEU A 86 -10.26 -11.36 -11.16
CA LEU A 86 -11.37 -10.45 -11.43
C LEU A 86 -12.68 -11.21 -11.53
N ARG A 87 -12.71 -12.42 -10.99
CA ARG A 87 -13.89 -13.27 -11.00
C ARG A 87 -15.05 -12.66 -10.22
N GLN A 88 -14.73 -11.83 -9.23
CA GLN A 88 -15.74 -11.21 -8.39
C GLN A 88 -15.84 -9.69 -8.59
N LEU A 89 -15.21 -9.21 -9.65
CA LEU A 89 -15.20 -7.79 -9.96
C LEU A 89 -16.59 -7.20 -10.17
N ARG A 90 -16.90 -6.16 -9.42
CA ARG A 90 -18.19 -5.54 -9.51
C ARG A 90 -18.13 -4.05 -9.76
N ALA A 91 -16.93 -3.47 -9.64
CA ALA A 91 -16.74 -2.04 -9.83
C ALA A 91 -15.27 -1.67 -9.93
N VAL A 92 -14.99 -0.57 -10.64
CA VAL A 92 -13.65 -0.06 -10.83
C VAL A 92 -13.69 1.45 -10.62
N THR A 93 -12.91 1.95 -9.67
CA THR A 93 -12.89 3.38 -9.40
C THR A 93 -11.57 4.00 -9.88
N THR A 94 -11.66 5.18 -10.46
CA THR A 94 -10.48 5.85 -10.93
C THR A 94 -10.40 7.19 -10.22
N GLY A 95 -9.22 7.52 -9.69
CA GLY A 95 -9.02 8.80 -9.01
C GLY A 95 -7.88 9.59 -9.64
N TYR A 96 -7.06 10.23 -8.81
CA TYR A 96 -5.94 11.01 -9.33
C TYR A 96 -5.13 10.19 -10.33
N MET A 97 -5.10 10.63 -11.60
CA MET A 97 -4.31 9.95 -12.62
C MET A 97 -2.99 10.71 -12.76
N GLY A 98 -2.02 10.09 -13.41
CA GLY A 98 -0.72 10.71 -13.58
C GLY A 98 -0.48 11.26 -14.97
N THR A 99 -0.87 10.52 -15.99
CA THR A 99 -0.67 11.00 -17.34
C THR A 99 -1.87 10.66 -18.15
N ALA A 100 -1.99 11.28 -19.32
CA ALA A 100 -3.12 11.01 -20.18
C ALA A 100 -2.89 9.61 -20.78
N SER A 101 -1.61 9.23 -20.93
CA SER A 101 -1.27 7.93 -21.48
C SER A 101 -1.77 6.82 -20.57
N GLN A 102 -1.79 7.13 -19.28
CA GLN A 102 -2.25 6.22 -18.23
C GLN A 102 -3.77 6.07 -18.38
N ILE A 103 -4.47 7.18 -18.62
CA ILE A 103 -5.91 7.12 -18.77
C ILE A 103 -6.30 6.38 -20.02
N LYS A 104 -5.54 6.65 -21.09
CA LYS A 104 -5.79 5.98 -22.35
C LYS A 104 -5.63 4.46 -22.14
N ILE A 105 -4.57 4.04 -21.44
CA ILE A 105 -4.31 2.63 -21.15
C ILE A 105 -5.43 2.07 -20.25
N LEU A 106 -5.79 2.85 -19.22
CA LEU A 106 -6.85 2.44 -18.31
C LEU A 106 -8.16 2.23 -19.08
N ALA A 107 -8.41 3.11 -20.07
CA ALA A 107 -9.62 3.05 -20.87
C ALA A 107 -9.71 1.79 -21.69
N GLU A 108 -8.64 1.48 -22.41
CA GLU A 108 -8.61 0.27 -23.22
C GLU A 108 -8.85 -0.95 -22.32
N TRP A 109 -8.21 -0.97 -21.16
CA TRP A 109 -8.37 -2.08 -20.23
C TRP A 109 -9.83 -2.20 -19.88
N LEU A 110 -10.46 -1.07 -19.57
CA LEU A 110 -11.87 -1.11 -19.21
C LEU A 110 -12.76 -1.57 -20.34
N THR A 111 -12.49 -1.10 -21.54
CA THR A 111 -13.30 -1.50 -22.67
C THR A 111 -13.23 -3.03 -22.87
N ALA A 112 -12.14 -3.62 -22.41
CA ALA A 112 -11.94 -5.06 -22.52
C ALA A 112 -12.79 -5.78 -21.48
N LEU A 113 -12.75 -5.27 -20.25
CA LEU A 113 -13.50 -5.85 -19.15
C LEU A 113 -15.00 -5.86 -19.40
N ARG A 114 -15.50 -4.87 -20.13
CA ARG A 114 -16.93 -4.81 -20.43
C ARG A 114 -17.42 -6.09 -21.10
N LYS A 115 -16.57 -6.68 -21.94
CA LYS A 115 -16.92 -7.90 -22.68
C LYS A 115 -17.26 -9.09 -21.80
N ASP A 116 -16.64 -9.15 -20.63
CA ASP A 116 -16.85 -10.24 -19.68
C ASP A 116 -17.44 -9.74 -18.35
N HIS A 117 -17.73 -8.44 -18.29
CA HIS A 117 -18.32 -7.81 -17.10
C HIS A 117 -19.23 -6.68 -17.56
N PRO A 118 -20.26 -7.01 -18.35
CA PRO A 118 -21.20 -6.03 -18.88
C PRO A 118 -21.95 -5.22 -17.82
N ASP A 119 -22.16 -5.80 -16.65
CA ASP A 119 -22.86 -5.07 -15.60
C ASP A 119 -21.90 -4.19 -14.79
N LEU A 120 -20.61 -4.22 -15.19
CA LEU A 120 -19.55 -3.46 -14.54
C LEU A 120 -19.92 -2.03 -14.21
N LEU A 121 -19.63 -1.63 -12.99
CA LEU A 121 -19.92 -0.28 -12.58
C LEU A 121 -18.62 0.49 -12.55
N ILE A 122 -18.36 1.26 -13.60
CA ILE A 122 -17.14 2.07 -13.69
C ILE A 122 -17.42 3.45 -13.10
N MET A 123 -16.68 3.83 -12.06
CA MET A 123 -16.89 5.13 -11.44
C MET A 123 -15.60 5.94 -11.50
N VAL A 124 -15.66 7.11 -12.12
CA VAL A 124 -14.47 7.95 -12.27
C VAL A 124 -14.53 9.30 -11.54
N ASP A 125 -13.40 9.70 -10.98
CA ASP A 125 -13.31 10.99 -10.30
C ASP A 125 -12.42 11.87 -11.16
N PRO A 126 -13.03 12.71 -12.04
CA PRO A 126 -12.33 13.62 -12.94
C PRO A 126 -11.44 14.63 -12.25
N VAL A 127 -10.41 14.15 -11.57
CA VAL A 127 -9.51 15.08 -10.87
C VAL A 127 -8.71 15.91 -11.85
N ILE A 128 -9.19 17.13 -12.07
CA ILE A 128 -8.57 18.07 -13.01
C ILE A 128 -8.23 19.38 -12.34
N GLY A 129 -9.16 19.93 -11.57
CA GLY A 129 -8.87 21.18 -10.90
C GLY A 129 -9.92 21.56 -9.89
N ASP A 130 -9.74 22.75 -9.34
CA ASP A 130 -10.64 23.31 -8.35
C ASP A 130 -10.95 24.72 -8.84
N ILE A 131 -12.03 25.31 -8.35
CA ILE A 131 -12.41 26.65 -8.77
C ILE A 131 -11.45 27.70 -8.19
N ASP A 132 -10.80 27.35 -7.09
CA ASP A 132 -9.86 28.29 -6.48
C ASP A 132 -8.44 27.90 -6.80
N SER A 133 -8.26 27.09 -7.84
CA SER A 133 -6.93 26.65 -8.24
C SER A 133 -6.82 26.45 -9.76
N GLY A 134 -7.97 26.17 -10.39
CA GLY A 134 -8.00 25.93 -11.82
C GLY A 134 -7.44 24.54 -12.05
N ILE A 135 -7.01 24.25 -13.27
CA ILE A 135 -6.45 22.94 -13.56
C ILE A 135 -5.14 22.78 -12.79
N TYR A 136 -5.08 21.78 -11.91
CA TYR A 136 -3.87 21.54 -11.13
C TYR A 136 -3.27 20.16 -11.38
N VAL A 137 -3.61 19.53 -12.49
CA VAL A 137 -3.05 18.23 -12.79
C VAL A 137 -2.36 18.30 -14.13
N LYS A 138 -1.87 17.17 -14.62
CA LYS A 138 -1.21 17.12 -15.91
C LYS A 138 -2.18 17.71 -16.95
N PRO A 139 -1.82 18.86 -17.56
CA PRO A 139 -2.64 19.56 -18.55
C PRO A 139 -3.31 18.69 -19.61
N ASP A 140 -2.72 17.55 -19.94
CA ASP A 140 -3.29 16.65 -20.94
C ASP A 140 -4.42 15.74 -20.45
N LEU A 141 -4.57 15.63 -19.13
CA LEU A 141 -5.60 14.77 -18.52
C LEU A 141 -7.03 15.13 -18.90
N PRO A 142 -7.38 16.42 -18.91
CA PRO A 142 -8.73 16.84 -19.26
C PRO A 142 -9.22 16.32 -20.62
N GLU A 143 -8.36 16.39 -21.63
CA GLU A 143 -8.75 15.90 -22.96
C GLU A 143 -8.90 14.40 -22.94
N ALA A 144 -7.96 13.72 -22.30
CA ALA A 144 -7.98 12.28 -22.21
C ALA A 144 -9.24 11.79 -21.49
N TYR A 145 -9.68 12.52 -20.47
CA TYR A 145 -10.88 12.16 -19.73
C TYR A 145 -12.07 12.20 -20.68
N ARG A 146 -12.34 13.39 -21.21
CA ARG A 146 -13.45 13.60 -22.13
C ARG A 146 -13.43 12.65 -23.32
N GLN A 147 -12.25 12.28 -23.77
CA GLN A 147 -12.15 11.40 -24.92
C GLN A 147 -12.33 9.92 -24.64
N TYR A 148 -11.59 9.39 -23.65
CA TYR A 148 -11.64 7.96 -23.34
C TYR A 148 -12.41 7.52 -22.09
N LEU A 149 -12.08 8.09 -20.94
CA LEU A 149 -12.71 7.69 -19.68
C LEU A 149 -14.17 8.03 -19.52
N LEU A 150 -14.57 9.24 -19.91
CA LEU A 150 -15.97 9.59 -19.77
C LEU A 150 -16.92 8.61 -20.45
N PRO A 151 -16.67 8.26 -21.73
CA PRO A 151 -17.50 7.33 -22.52
C PRO A 151 -17.79 5.99 -21.83
N LEU A 152 -16.86 5.55 -20.98
CA LEU A 152 -17.02 4.29 -20.25
C LEU A 152 -17.71 4.50 -18.90
N ALA A 153 -17.43 5.63 -18.26
CA ALA A 153 -17.99 5.91 -16.94
C ALA A 153 -19.49 5.69 -16.84
N GLN A 154 -19.91 5.02 -15.77
CA GLN A 154 -21.32 4.79 -15.52
C GLN A 154 -21.77 5.91 -14.57
N GLY A 155 -20.85 6.38 -13.74
CA GLY A 155 -21.14 7.46 -12.82
C GLY A 155 -19.87 8.27 -12.63
N ILE A 156 -19.98 9.58 -12.41
CA ILE A 156 -18.79 10.42 -12.21
C ILE A 156 -19.02 11.36 -11.04
N THR A 157 -17.93 11.83 -10.44
CA THR A 157 -18.01 12.69 -9.28
C THR A 157 -17.15 13.94 -9.41
N PRO A 158 -17.50 14.84 -10.35
CA PRO A 158 -16.72 16.08 -10.55
C PRO A 158 -17.28 17.24 -9.73
N ASN A 159 -16.44 18.26 -9.52
CA ASN A 159 -16.83 19.46 -8.80
C ASN A 159 -17.27 20.48 -9.86
N ILE A 160 -17.86 21.59 -9.43
CA ILE A 160 -18.34 22.60 -10.37
C ILE A 160 -17.35 22.90 -11.49
N PHE A 161 -16.09 23.14 -11.13
CA PHE A 161 -15.07 23.44 -12.13
C PHE A 161 -14.77 22.27 -13.05
N GLU A 162 -14.62 21.09 -12.46
CA GLU A 162 -14.33 19.91 -13.23
C GLU A 162 -15.47 19.60 -14.19
N LEU A 163 -16.63 20.14 -13.88
CA LEU A 163 -17.78 19.91 -14.73
C LEU A 163 -17.75 20.90 -15.88
N GLU A 164 -17.16 22.07 -15.65
CA GLU A 164 -17.06 23.07 -16.70
C GLU A 164 -16.04 22.62 -17.73
N ILE A 165 -15.01 21.94 -17.26
CA ILE A 165 -13.97 21.48 -18.16
C ILE A 165 -14.34 20.27 -18.96
N LEU A 166 -15.30 19.53 -18.44
CA LEU A 166 -15.76 18.33 -19.12
C LEU A 166 -16.85 18.68 -20.13
N THR A 167 -17.74 19.59 -19.75
CA THR A 167 -18.84 19.96 -20.61
C THR A 167 -18.64 21.22 -21.42
N GLY A 168 -17.70 22.04 -21.00
CA GLY A 168 -17.46 23.28 -21.71
C GLY A 168 -18.60 24.25 -21.50
N LYS A 169 -19.24 24.18 -20.34
CA LYS A 169 -20.35 25.06 -20.05
C LYS A 169 -20.15 25.71 -18.69
N ASN A 170 -20.63 26.93 -18.55
CA ASN A 170 -20.51 27.65 -17.29
C ASN A 170 -21.42 26.99 -16.25
N CYS A 171 -20.84 26.40 -15.22
CA CYS A 171 -21.63 25.72 -14.20
C CYS A 171 -21.72 26.44 -12.87
N ARG A 172 -21.61 27.76 -12.90
CA ARG A 172 -21.68 28.55 -11.67
C ARG A 172 -23.09 28.60 -11.10
N ASP A 173 -24.08 28.48 -11.98
CA ASP A 173 -25.48 28.48 -11.59
C ASP A 173 -25.96 27.06 -11.37
N LEU A 174 -26.72 26.86 -10.29
CA LEU A 174 -27.21 25.54 -9.98
C LEU A 174 -27.91 24.88 -11.17
N ASP A 175 -28.82 25.62 -11.80
CA ASP A 175 -29.58 25.12 -12.94
C ASP A 175 -28.70 24.85 -14.15
N SER A 176 -27.81 25.80 -14.44
CA SER A 176 -26.89 25.66 -15.56
C SER A 176 -26.01 24.43 -15.34
N ALA A 177 -25.65 24.19 -14.09
CA ALA A 177 -24.83 23.04 -13.74
C ALA A 177 -25.64 21.77 -13.93
N ILE A 178 -26.87 21.79 -13.43
CA ILE A 178 -27.73 20.62 -13.56
C ILE A 178 -27.88 20.26 -15.03
N ALA A 179 -28.07 21.30 -15.84
CA ALA A 179 -28.24 21.17 -17.27
C ALA A 179 -27.00 20.56 -17.91
N ALA A 180 -25.83 21.05 -17.49
CA ALA A 180 -24.56 20.56 -17.99
C ALA A 180 -24.39 19.10 -17.64
N ALA A 181 -24.86 18.73 -16.45
CA ALA A 181 -24.75 17.36 -15.96
C ALA A 181 -25.70 16.47 -16.75
N LYS A 182 -26.91 16.97 -17.00
CA LYS A 182 -27.91 16.25 -17.73
C LYS A 182 -27.43 15.91 -19.14
N SER A 183 -26.82 16.87 -19.82
CA SER A 183 -26.32 16.65 -21.17
C SER A 183 -25.26 15.54 -21.24
N LEU A 184 -24.65 15.27 -20.10
CA LEU A 184 -23.61 14.25 -20.01
C LEU A 184 -24.20 12.83 -19.90
N LEU A 185 -25.36 12.71 -19.27
CA LEU A 185 -26.01 11.42 -19.10
C LEU A 185 -26.16 10.74 -20.45
N SER A 186 -26.27 9.42 -20.44
CA SER A 186 -26.44 8.63 -21.67
C SER A 186 -26.75 7.16 -21.35
N ASP A 187 -26.65 6.26 -22.34
CA ASP A 187 -26.95 4.85 -22.10
C ASP A 187 -25.91 4.29 -21.15
N THR A 188 -24.75 4.94 -21.12
CA THR A 188 -23.68 4.48 -20.26
C THR A 188 -23.66 5.29 -18.97
N LEU A 189 -23.61 6.62 -19.10
CA LEU A 189 -23.53 7.48 -17.92
C LEU A 189 -24.88 7.59 -17.23
N LYS A 190 -25.08 6.81 -16.17
CA LYS A 190 -26.38 6.84 -15.52
C LYS A 190 -26.55 7.96 -14.50
N TRP A 191 -25.45 8.45 -13.94
CA TRP A 191 -25.55 9.50 -12.94
C TRP A 191 -24.31 10.36 -12.85
N VAL A 192 -24.50 11.54 -12.27
CA VAL A 192 -23.43 12.51 -12.09
C VAL A 192 -23.63 13.19 -10.75
N VAL A 193 -22.63 13.02 -9.88
CA VAL A 193 -22.65 13.62 -8.55
C VAL A 193 -21.80 14.88 -8.62
N VAL A 194 -22.47 16.02 -8.81
CA VAL A 194 -21.81 17.32 -8.86
C VAL A 194 -21.43 17.75 -7.45
N THR A 195 -20.34 18.50 -7.31
CA THR A 195 -19.92 18.95 -6.00
C THR A 195 -19.50 20.41 -5.78
N SER A 196 -19.76 20.94 -4.59
CA SER A 196 -19.66 22.37 -4.34
C SER A 196 -20.12 22.66 -2.92
N GLU A 205 -22.34 25.82 4.34
CA GLU A 205 -22.45 24.34 4.33
C GLU A 205 -21.75 23.71 3.12
N MET A 206 -22.27 22.56 2.70
CA MET A 206 -21.72 21.82 1.56
C MET A 206 -22.89 21.29 0.73
N GLN A 207 -22.92 21.67 -0.54
CA GLN A 207 -23.97 21.26 -1.46
C GLN A 207 -23.49 20.16 -2.40
N VAL A 208 -24.22 19.06 -2.44
CA VAL A 208 -23.86 17.96 -3.31
C VAL A 208 -25.12 17.65 -4.10
N VAL A 209 -25.05 17.81 -5.43
CA VAL A 209 -26.19 17.56 -6.30
C VAL A 209 -26.05 16.22 -7.01
N VAL A 210 -27.08 15.39 -6.93
CA VAL A 210 -27.06 14.10 -7.58
C VAL A 210 -27.97 14.19 -8.78
N VAL A 211 -27.40 14.03 -9.97
CA VAL A 211 -28.16 14.15 -11.20
C VAL A 211 -28.32 12.84 -11.97
N THR A 212 -29.56 12.45 -12.21
CA THR A 212 -29.87 11.24 -12.95
C THR A 212 -30.81 11.60 -14.10
N ALA A 213 -30.87 10.75 -15.11
CA ALA A 213 -31.69 11.03 -16.28
C ALA A 213 -33.09 11.48 -15.91
N ASP A 214 -33.57 11.09 -14.74
CA ASP A 214 -34.91 11.48 -14.36
C ASP A 214 -35.07 12.19 -13.03
N SER A 215 -34.00 12.68 -12.42
CA SER A 215 -34.17 13.36 -11.15
C SER A 215 -32.97 14.15 -10.69
N VAL A 216 -33.23 15.04 -9.72
CA VAL A 216 -32.19 15.88 -9.16
C VAL A 216 -32.37 16.02 -7.65
N ASN A 217 -31.34 15.63 -6.89
CA ASN A 217 -31.35 15.71 -5.43
C ASN A 217 -30.22 16.57 -4.90
N VAL A 218 -30.58 17.54 -4.07
CA VAL A 218 -29.60 18.46 -3.51
C VAL A 218 -29.35 18.15 -2.06
N ILE A 219 -28.24 17.47 -1.81
CA ILE A 219 -27.82 17.07 -0.46
C ILE A 219 -26.97 18.18 0.15
N SER A 220 -27.18 18.45 1.43
CA SER A 220 -26.41 19.48 2.06
C SER A 220 -26.13 19.12 3.52
N HIS A 221 -24.85 19.15 3.90
CA HIS A 221 -24.42 18.87 5.28
C HIS A 221 -23.41 19.90 5.76
N SER A 222 -22.84 19.68 6.94
CA SER A 222 -21.88 20.62 7.53
C SER A 222 -20.59 20.74 6.73
N ARG A 223 -19.90 21.86 6.92
CA ARG A 223 -18.63 22.11 6.24
C ARG A 223 -17.59 22.55 7.26
N VAL A 224 -16.37 22.04 7.11
CA VAL A 224 -15.30 22.41 8.04
C VAL A 224 -14.21 23.16 7.28
N LYS A 225 -13.62 24.16 7.93
CA LYS A 225 -12.55 24.94 7.32
C LYS A 225 -11.20 24.29 7.67
N THR A 226 -10.79 23.35 6.82
CA THR A 226 -9.55 22.63 7.01
C THR A 226 -8.99 22.21 5.66
N ASP A 227 -7.67 22.24 5.54
CA ASP A 227 -6.98 21.87 4.32
C ASP A 227 -6.61 20.40 4.28
N LEU A 228 -7.49 19.55 4.83
CA LEU A 228 -7.24 18.12 4.83
C LEU A 228 -7.45 17.61 3.41
N LYS A 229 -6.44 16.90 2.91
CA LYS A 229 -6.46 16.35 1.56
C LYS A 229 -6.89 14.88 1.56
N GLY A 230 -7.43 14.42 0.44
CA GLY A 230 -7.87 13.03 0.32
C GLY A 230 -9.35 12.80 0.56
N THR A 231 -10.00 13.79 1.17
CA THR A 231 -11.41 13.69 1.47
C THR A 231 -12.19 13.28 0.24
N GLY A 232 -11.70 13.71 -0.92
CA GLY A 232 -12.37 13.38 -2.17
C GLY A 232 -12.29 11.89 -2.44
N ASP A 233 -11.10 11.34 -2.21
CA ASP A 233 -10.84 9.93 -2.42
C ASP A 233 -11.60 9.09 -1.41
N LEU A 234 -11.80 9.63 -0.21
CA LEU A 234 -12.52 8.94 0.84
C LEU A 234 -13.97 8.87 0.37
N PHE A 235 -14.47 10.01 -0.08
CA PHE A 235 -15.85 10.10 -0.55
C PHE A 235 -16.16 8.99 -1.54
N CYS A 236 -15.36 8.91 -2.59
CA CYS A 236 -15.59 7.92 -3.61
C CYS A 236 -15.45 6.52 -3.08
N ALA A 237 -14.49 6.30 -2.20
CA ALA A 237 -14.30 4.96 -1.67
C ALA A 237 -15.51 4.58 -0.86
N GLN A 238 -16.10 5.56 -0.17
CA GLN A 238 -17.26 5.25 0.64
C GLN A 238 -18.52 5.15 -0.23
N LEU A 239 -18.59 6.02 -1.22
CA LEU A 239 -19.73 6.03 -2.12
C LEU A 239 -19.85 4.71 -2.87
N ILE A 240 -18.72 4.20 -3.36
CA ILE A 240 -18.72 2.96 -4.12
C ILE A 240 -19.09 1.76 -3.26
N SER A 241 -18.61 1.78 -2.02
CA SER A 241 -18.91 0.73 -1.06
C SER A 241 -20.41 0.66 -0.86
N GLY A 242 -21.05 1.79 -0.59
CA GLY A 242 -22.48 1.82 -0.40
C GLY A 242 -23.21 1.30 -1.63
N LEU A 243 -22.85 1.77 -2.82
CA LEU A 243 -23.53 1.26 -4.01
C LEU A 243 -23.43 -0.26 -4.07
N LEU A 244 -22.23 -0.80 -3.86
CA LEU A 244 -22.03 -2.23 -3.90
C LEU A 244 -22.65 -2.96 -2.71
N LYS A 245 -22.90 -2.24 -1.63
CA LYS A 245 -23.49 -2.85 -0.44
C LYS A 245 -25.02 -2.78 -0.48
N GLY A 246 -25.54 -2.39 -1.64
CA GLY A 246 -26.99 -2.31 -1.83
C GLY A 246 -27.70 -1.00 -1.55
N LYS A 247 -26.98 0.08 -1.23
CA LYS A 247 -27.65 1.35 -0.95
C LYS A 247 -28.05 2.05 -2.26
N ALA A 248 -29.17 2.78 -2.23
CA ALA A 248 -29.66 3.53 -3.40
C ALA A 248 -28.75 4.73 -3.59
N LEU A 249 -28.65 5.21 -4.82
CA LEU A 249 -27.77 6.34 -5.16
C LEU A 249 -27.77 7.51 -4.20
N THR A 250 -28.89 8.22 -4.09
CA THR A 250 -28.87 9.37 -3.20
C THR A 250 -28.49 9.01 -1.77
N ASP A 251 -28.93 7.85 -1.29
CA ASP A 251 -28.60 7.46 0.06
C ASP A 251 -27.10 7.19 0.20
N ALA A 252 -26.51 6.60 -0.84
CA ALA A 252 -25.10 6.29 -0.86
C ALA A 252 -24.29 7.58 -0.89
N VAL A 253 -24.75 8.54 -1.69
CA VAL A 253 -24.07 9.84 -1.83
C VAL A 253 -24.14 10.63 -0.51
N HIS A 254 -25.27 10.54 0.16
CA HIS A 254 -25.43 11.23 1.43
C HIS A 254 -24.61 10.58 2.54
N ARG A 255 -24.50 9.25 2.51
CA ARG A 255 -23.73 8.50 3.51
C ARG A 255 -22.21 8.71 3.34
N ALA A 256 -21.77 8.72 2.08
CA ALA A 256 -20.35 8.92 1.77
C ALA A 256 -19.91 10.30 2.24
N GLY A 257 -20.79 11.27 2.03
CA GLY A 257 -20.50 12.63 2.43
C GLY A 257 -20.45 12.77 3.96
N LEU A 258 -21.36 12.09 4.66
CA LEU A 258 -21.41 12.15 6.13
C LEU A 258 -20.22 11.41 6.73
N ARG A 259 -19.79 10.35 6.05
CA ARG A 259 -18.66 9.57 6.52
C ARG A 259 -17.45 10.49 6.49
N VAL A 260 -17.27 11.19 5.39
CA VAL A 260 -16.14 12.11 5.24
C VAL A 260 -16.18 13.21 6.28
N LEU A 261 -17.38 13.72 6.53
CA LEU A 261 -17.57 14.76 7.53
C LEU A 261 -17.13 14.10 8.83
N GLU A 262 -17.60 12.88 9.07
CA GLU A 262 -17.24 12.15 10.28
C GLU A 262 -15.72 12.06 10.45
N VAL A 263 -15.09 11.39 9.49
CA VAL A 263 -13.64 11.21 9.45
C VAL A 263 -12.83 12.48 9.76
N MET A 264 -13.21 13.60 9.15
CA MET A 264 -12.52 14.88 9.36
C MET A 264 -12.65 15.35 10.80
N ARG A 265 -13.81 15.12 11.40
CA ARG A 265 -14.02 15.52 12.77
C ARG A 265 -13.11 14.70 13.67
N TYR A 266 -12.99 13.41 13.37
CA TYR A 266 -12.13 12.55 14.16
C TYR A 266 -10.67 12.98 13.99
N THR A 267 -10.29 13.31 12.76
CA THR A 267 -8.93 13.73 12.42
C THR A 267 -8.61 15.02 13.18
N GLN A 268 -9.49 16.01 13.07
CA GLN A 268 -9.27 17.27 13.76
C GLN A 268 -9.21 17.05 15.24
N GLN A 269 -10.15 16.26 15.76
CA GLN A 269 -10.22 15.95 17.17
C GLN A 269 -8.88 15.33 17.61
N HIS A 270 -8.30 14.56 16.71
CA HIS A 270 -7.04 13.87 16.94
C HIS A 270 -5.87 14.85 16.79
N GLU A 271 -6.17 16.09 16.46
CA GLU A 271 -5.11 17.07 16.27
C GLU A 271 -4.06 16.51 15.31
N SER A 272 -4.47 16.20 14.07
CA SER A 272 -3.55 15.66 13.07
C SER A 272 -3.75 16.37 11.73
N ASP A 273 -2.74 16.31 10.85
CA ASP A 273 -2.85 16.97 9.55
C ASP A 273 -3.09 15.98 8.40
N GLU A 274 -3.31 14.71 8.75
CA GLU A 274 -3.61 13.65 7.78
C GLU A 274 -4.82 12.84 8.28
N LEU A 275 -5.72 12.48 7.38
CA LEU A 275 -6.91 11.72 7.74
C LEU A 275 -6.61 10.46 8.54
N ILE A 276 -7.57 10.06 9.37
CA ILE A 276 -7.44 8.86 10.19
C ILE A 276 -8.79 8.17 10.26
N LEU A 277 -8.84 6.95 9.75
CA LEU A 277 -10.10 6.25 9.76
C LEU A 277 -10.57 5.79 11.11
N PRO A 278 -11.74 6.28 11.56
CA PRO A 278 -12.23 5.83 12.86
C PRO A 278 -13.04 4.58 12.57
N PRO A 279 -13.38 3.79 13.59
CA PRO A 279 -14.17 2.60 13.27
C PRO A 279 -15.48 2.98 12.55
N LEU A 280 -15.87 2.18 11.55
CA LEU A 280 -17.08 2.43 10.79
C LEU A 280 -18.36 2.29 11.65
N LEU B 5 13.42 12.87 23.38
CA LEU B 5 13.22 14.33 23.59
C LEU B 5 11.86 14.66 24.21
N LEU B 6 11.90 15.13 25.44
CA LEU B 6 10.68 15.50 26.19
C LEU B 6 10.20 16.89 25.80
N PHE B 7 11.13 17.77 25.43
CA PHE B 7 10.82 19.14 25.09
C PHE B 7 10.35 19.39 23.65
N ASN B 8 10.01 18.31 22.94
CA ASN B 8 9.54 18.42 21.56
C ASN B 8 8.03 18.66 21.55
N ASP B 9 7.58 19.55 20.67
CA ASP B 9 6.16 19.86 20.56
C ASP B 9 5.40 18.71 19.96
N LYS B 10 4.08 18.83 19.95
CA LYS B 10 3.27 17.77 19.39
C LYS B 10 3.36 17.86 17.86
N SER B 11 3.57 16.70 17.24
CA SER B 11 3.67 16.59 15.79
C SER B 11 2.30 16.26 15.25
N ARG B 12 1.79 17.11 14.37
CA ARG B 12 0.48 16.86 13.81
C ARG B 12 0.56 15.85 12.68
N ALA B 13 1.72 15.22 12.52
CA ALA B 13 1.94 14.23 11.47
C ALA B 13 1.59 12.82 11.97
N LEU B 14 1.35 11.89 11.06
CA LEU B 14 1.02 10.52 11.45
C LEU B 14 2.29 9.89 12.03
N GLN B 15 2.14 8.90 12.89
CA GLN B 15 3.30 8.27 13.49
C GLN B 15 3.25 6.76 13.32
N ALA B 16 4.42 6.14 13.26
CA ALA B 16 4.50 4.70 13.12
C ALA B 16 5.69 4.14 13.89
N ASP B 17 5.51 2.94 14.40
CA ASP B 17 6.54 2.29 15.18
C ASP B 17 7.52 1.59 14.25
N ILE B 18 7.11 1.35 13.02
CA ILE B 18 7.99 0.66 12.09
C ILE B 18 7.97 1.22 10.70
N VAL B 19 9.11 1.15 10.03
CA VAL B 19 9.25 1.57 8.64
C VAL B 19 9.70 0.28 7.98
N ALA B 20 8.88 -0.28 7.10
CA ALA B 20 9.26 -1.52 6.44
C ALA B 20 9.67 -1.26 5.00
N VAL B 21 10.94 -1.52 4.69
CA VAL B 21 11.43 -1.33 3.34
C VAL B 21 11.44 -2.70 2.68
N GLN B 22 10.50 -2.93 1.78
CA GLN B 22 10.42 -4.21 1.09
C GLN B 22 9.72 -3.97 -0.21
N SER B 23 9.40 -5.08 -0.87
CA SER B 23 8.69 -5.04 -2.12
C SER B 23 7.20 -4.84 -1.85
N GLN B 24 6.49 -4.45 -2.91
CA GLN B 24 5.05 -4.23 -2.86
C GLN B 24 4.41 -4.81 -4.14
N VAL B 25 3.35 -5.61 -3.99
CA VAL B 25 2.68 -6.18 -5.16
C VAL B 25 1.24 -5.73 -5.21
N VAL B 26 0.76 -5.38 -6.40
CA VAL B 26 -0.63 -4.96 -6.51
C VAL B 26 -1.48 -6.16 -6.13
N TYR B 27 -1.20 -7.28 -6.78
CA TYR B 27 -1.91 -8.54 -6.52
C TYR B 27 -0.93 -9.48 -5.82
N GLY B 28 -1.25 -9.86 -4.60
CA GLY B 28 -0.38 -10.75 -3.86
C GLY B 28 -0.22 -10.47 -2.39
N SER B 29 0.40 -11.43 -1.72
CA SER B 29 0.62 -11.32 -0.30
C SER B 29 2.08 -11.53 0.06
N VAL B 30 2.95 -10.68 -0.50
CA VAL B 30 4.38 -10.76 -0.20
C VAL B 30 4.86 -9.37 0.20
N GLY B 31 6.03 -9.30 0.82
CA GLY B 31 6.55 -8.01 1.20
C GLY B 31 5.59 -7.26 2.10
N ASN B 32 5.51 -5.94 1.95
CA ASN B 32 4.65 -5.14 2.81
C ASN B 32 3.20 -5.35 2.52
N SER B 33 2.92 -5.89 1.34
CA SER B 33 1.56 -6.16 0.96
C SER B 33 0.96 -7.16 1.92
N ILE B 34 1.82 -7.96 2.57
CA ILE B 34 1.40 -8.96 3.55
C ILE B 34 1.93 -8.59 4.94
N ALA B 35 3.06 -7.88 4.96
CA ALA B 35 3.70 -7.43 6.21
C ALA B 35 2.87 -6.39 6.94
N VAL B 36 2.54 -5.28 6.27
CA VAL B 36 1.75 -4.20 6.85
C VAL B 36 0.43 -4.70 7.47
N PRO B 37 -0.35 -5.49 6.72
CA PRO B 37 -1.61 -5.99 7.30
C PRO B 37 -1.32 -6.71 8.63
N ALA B 38 -0.27 -7.53 8.62
CA ALA B 38 0.17 -8.32 9.79
C ALA B 38 0.58 -7.43 10.95
N ILE B 39 1.41 -6.44 10.68
CA ILE B 39 1.83 -5.52 11.71
C ILE B 39 0.60 -4.82 12.29
N LYS B 40 -0.30 -4.38 11.41
CA LYS B 40 -1.54 -3.71 11.80
C LYS B 40 -2.37 -4.58 12.74
N GLN B 41 -2.35 -5.89 12.54
CA GLN B 41 -3.08 -6.80 13.41
C GLN B 41 -2.49 -6.75 14.83
N ASN B 42 -1.16 -6.65 14.93
CA ASN B 42 -0.51 -6.60 16.25
C ASN B 42 -0.73 -5.27 16.95
N GLY B 43 -1.55 -4.41 16.35
CA GLY B 43 -1.83 -3.13 16.96
C GLY B 43 -0.77 -2.09 16.78
N LEU B 44 0.12 -2.30 15.81
CA LEU B 44 1.19 -1.33 15.54
C LEU B 44 0.93 -0.58 14.23
N ASN B 45 1.53 0.61 14.11
CA ASN B 45 1.41 1.44 12.91
C ASN B 45 2.72 1.31 12.15
N VAL B 46 2.65 1.34 10.82
CA VAL B 46 3.85 1.19 10.01
C VAL B 46 3.83 2.00 8.72
N PHE B 47 5.00 2.47 8.30
CA PHE B 47 5.17 3.21 7.06
C PHE B 47 5.88 2.24 6.12
N ALA B 48 5.34 2.05 4.93
CA ALA B 48 5.92 1.12 3.96
C ALA B 48 6.56 1.81 2.78
N VAL B 49 7.88 1.72 2.72
CA VAL B 49 8.67 2.30 1.65
C VAL B 49 9.08 1.17 0.73
N PRO B 50 8.39 1.01 -0.41
CA PRO B 50 8.69 -0.06 -1.37
C PRO B 50 10.09 0.00 -2.01
N THR B 51 10.62 -1.17 -2.33
CA THR B 51 11.93 -1.30 -3.00
C THR B 51 11.56 -1.55 -4.46
N VAL B 52 10.47 -2.27 -4.68
CA VAL B 52 10.02 -2.53 -6.03
C VAL B 52 8.54 -2.68 -5.99
N LEU B 53 7.90 -2.23 -7.04
CA LEU B 53 6.46 -2.34 -7.11
C LEU B 53 6.09 -3.20 -8.29
N LEU B 54 5.76 -4.46 -8.01
CA LEU B 54 5.40 -5.42 -9.03
C LEU B 54 3.92 -5.78 -9.04
N SER B 55 3.44 -6.33 -10.14
CA SER B 55 2.05 -6.74 -10.26
C SER B 55 1.78 -7.94 -9.34
N ASN B 56 2.83 -8.74 -9.15
CA ASN B 56 2.77 -9.94 -8.33
C ASN B 56 4.18 -10.51 -8.30
N THR B 57 4.40 -11.58 -7.54
CA THR B 57 5.73 -12.18 -7.46
C THR B 57 6.19 -12.72 -8.82
N PRO B 58 7.51 -12.64 -9.10
CA PRO B 58 8.07 -13.11 -10.37
C PRO B 58 7.93 -14.63 -10.52
N HIS B 59 7.29 -15.25 -9.54
CA HIS B 59 7.07 -16.70 -9.55
C HIS B 59 5.91 -17.14 -10.43
N TYR B 60 5.03 -16.22 -10.81
CA TYR B 60 3.92 -16.57 -11.71
C TYR B 60 4.46 -16.54 -13.15
N ASP B 61 3.65 -17.01 -14.10
CA ASP B 61 4.10 -17.02 -15.49
C ASP B 61 4.46 -15.63 -15.99
N THR B 62 3.78 -14.62 -15.45
CA THR B 62 4.02 -13.23 -15.83
C THR B 62 3.97 -12.27 -14.65
N PHE B 63 4.72 -11.18 -14.76
CA PHE B 63 4.75 -10.16 -13.71
C PHE B 63 5.28 -8.87 -14.34
N TYR B 64 4.87 -7.73 -13.77
CA TYR B 64 5.29 -6.44 -14.29
C TYR B 64 5.70 -5.47 -13.19
N GLY B 65 6.41 -4.43 -13.58
CA GLY B 65 6.88 -3.45 -12.62
C GLY B 65 8.39 -3.51 -12.54
N GLY B 66 9.01 -2.70 -11.70
CA GLY B 66 10.44 -2.77 -11.63
C GLY B 66 10.88 -2.21 -10.31
N ALA B 67 12.15 -1.81 -10.21
CA ALA B 67 12.69 -1.26 -8.99
C ALA B 67 12.45 0.24 -8.90
N ILE B 68 12.20 0.71 -7.68
CA ILE B 68 11.96 2.12 -7.47
C ILE B 68 13.24 2.93 -7.72
N PRO B 69 13.14 3.99 -8.54
CA PRO B 69 14.29 4.85 -8.86
C PRO B 69 14.89 5.43 -7.58
N ASP B 70 16.22 5.48 -7.51
CA ASP B 70 16.93 5.98 -6.34
C ASP B 70 16.44 7.32 -5.85
N GLU B 71 16.20 8.22 -6.80
CA GLU B 71 15.72 9.56 -6.49
C GLU B 71 14.40 9.45 -5.75
N TRP B 72 13.58 8.49 -6.17
CA TRP B 72 12.30 8.25 -5.53
C TRP B 72 12.50 7.64 -4.16
N PHE B 73 13.16 6.48 -4.13
CA PHE B 73 13.45 5.76 -2.92
C PHE B 73 14.09 6.71 -1.91
N SER B 74 15.05 7.48 -2.40
CA SER B 74 15.73 8.41 -1.53
C SER B 74 14.73 9.40 -0.96
N GLY B 75 13.90 9.96 -1.83
CA GLY B 75 12.91 10.92 -1.38
C GLY B 75 11.95 10.36 -0.36
N TYR B 76 11.42 9.16 -0.63
CA TYR B 76 10.47 8.52 0.27
C TYR B 76 10.99 8.47 1.70
N LEU B 77 12.26 8.11 1.87
CA LEU B 77 12.87 8.02 3.20
C LEU B 77 13.04 9.42 3.76
N ARG B 78 13.66 10.29 2.99
CA ARG B 78 13.86 11.66 3.44
C ARG B 78 12.54 12.27 3.87
N ALA B 79 11.55 12.24 3.00
CA ALA B 79 10.27 12.84 3.31
C ALA B 79 9.77 12.46 4.67
N LEU B 80 9.94 11.20 5.05
CA LEU B 80 9.44 10.79 6.36
C LEU B 80 9.98 11.64 7.49
N GLN B 81 11.26 12.03 7.40
CA GLN B 81 11.93 12.85 8.40
C GLN B 81 11.44 14.28 8.31
N GLU B 82 11.25 14.76 7.09
CA GLU B 82 10.76 16.10 6.88
C GLU B 82 9.31 16.26 7.35
N ARG B 83 8.47 15.25 7.11
CA ARG B 83 7.07 15.32 7.54
C ARG B 83 7.04 15.16 9.06
N ASP B 84 8.20 14.89 9.63
CA ASP B 84 8.32 14.72 11.07
C ASP B 84 7.34 13.65 11.55
N ALA B 85 7.49 12.43 11.03
CA ALA B 85 6.60 11.35 11.42
C ALA B 85 7.40 10.15 11.94
N LEU B 86 8.47 10.43 12.66
CA LEU B 86 9.31 9.38 13.21
C LEU B 86 9.48 9.38 14.73
N ARG B 87 8.74 10.22 15.44
CA ARG B 87 8.84 10.27 16.90
C ARG B 87 8.63 8.90 17.57
N GLN B 88 7.60 8.18 17.11
CA GLN B 88 7.26 6.86 17.65
C GLN B 88 8.05 5.72 17.01
N LEU B 89 8.94 6.06 16.08
CA LEU B 89 9.74 5.05 15.41
C LEU B 89 10.60 4.26 16.39
N ARG B 90 10.36 2.96 16.47
CA ARG B 90 11.12 2.10 17.37
C ARG B 90 11.84 0.99 16.60
N ALA B 91 11.62 0.90 15.29
CA ALA B 91 12.27 -0.15 14.52
C ALA B 91 12.11 0.07 13.04
N VAL B 92 13.07 -0.46 12.28
CA VAL B 92 13.05 -0.36 10.84
C VAL B 92 13.42 -1.68 10.20
N THR B 93 12.45 -2.33 9.58
CA THR B 93 12.72 -3.62 8.96
C THR B 93 13.03 -3.53 7.47
N THR B 94 14.07 -4.24 7.05
CA THR B 94 14.49 -4.26 5.65
C THR B 94 14.31 -5.65 5.04
N GLY B 95 13.65 -5.70 3.89
CA GLY B 95 13.45 -6.97 3.23
C GLY B 95 14.12 -6.97 1.88
N TYR B 96 13.45 -7.54 0.89
CA TYR B 96 13.97 -7.60 -0.45
C TYR B 96 14.35 -6.22 -0.97
N MET B 97 15.60 -6.08 -1.37
CA MET B 97 16.05 -4.81 -1.94
C MET B 97 16.20 -5.09 -3.42
N GLY B 98 15.93 -4.06 -4.22
CA GLY B 98 16.04 -4.18 -5.66
C GLY B 98 17.42 -3.92 -6.22
N THR B 99 18.19 -3.02 -5.59
CA THR B 99 19.54 -2.69 -6.06
C THR B 99 20.50 -2.37 -4.92
N ALA B 100 21.80 -2.48 -5.17
CA ALA B 100 22.80 -2.20 -4.13
C ALA B 100 22.78 -0.71 -3.77
N SER B 101 22.42 0.11 -4.76
CA SER B 101 22.33 1.55 -4.61
C SER B 101 21.24 1.91 -3.61
N GLN B 102 20.22 1.08 -3.56
CA GLN B 102 19.13 1.28 -2.62
C GLN B 102 19.61 0.99 -1.21
N ILE B 103 20.40 -0.07 -1.07
CA ILE B 103 20.89 -0.42 0.24
C ILE B 103 21.75 0.69 0.80
N LYS B 104 22.61 1.25 -0.04
CA LYS B 104 23.49 2.32 0.39
C LYS B 104 22.64 3.51 0.90
N ILE B 105 21.62 3.88 0.14
CA ILE B 105 20.78 5.00 0.52
C ILE B 105 20.09 4.73 1.86
N LEU B 106 19.53 3.53 1.98
CA LEU B 106 18.83 3.14 3.19
C LEU B 106 19.82 3.16 4.36
N ALA B 107 21.04 2.68 4.13
CA ALA B 107 22.05 2.68 5.18
C ALA B 107 22.37 4.12 5.57
N GLU B 108 22.42 5.01 4.60
CA GLU B 108 22.72 6.41 4.86
C GLU B 108 21.62 7.04 5.70
N TRP B 109 20.39 6.71 5.33
CA TRP B 109 19.23 7.22 6.03
C TRP B 109 19.20 6.66 7.45
N LEU B 110 19.51 5.37 7.59
CA LEU B 110 19.51 4.74 8.90
C LEU B 110 20.60 5.26 9.82
N THR B 111 21.80 5.47 9.28
CA THR B 111 22.90 5.98 10.09
C THR B 111 22.51 7.31 10.71
N ALA B 112 22.00 8.21 9.87
CA ALA B 112 21.59 9.55 10.33
C ALA B 112 20.44 9.46 11.30
N LEU B 113 19.58 8.50 11.05
CA LEU B 113 18.42 8.32 11.90
C LEU B 113 18.78 7.83 13.30
N ARG B 114 19.76 6.92 13.41
CA ARG B 114 20.13 6.38 14.72
C ARG B 114 20.60 7.44 15.69
N LYS B 115 21.28 8.45 15.18
CA LYS B 115 21.77 9.51 16.02
C LYS B 115 20.69 10.06 16.95
N ASP B 116 19.45 10.06 16.47
CA ASP B 116 18.34 10.58 17.27
C ASP B 116 17.51 9.46 17.88
N HIS B 117 17.66 8.26 17.32
CA HIS B 117 16.92 7.08 17.76
C HIS B 117 17.87 5.99 18.19
N PRO B 118 18.29 5.99 19.46
CA PRO B 118 19.21 5.00 20.00
C PRO B 118 18.54 3.62 20.20
N ASP B 119 17.27 3.63 20.57
CA ASP B 119 16.49 2.41 20.80
C ASP B 119 16.03 1.79 19.48
N LEU B 120 16.42 2.42 18.39
CA LEU B 120 16.05 1.96 17.07
C LEU B 120 16.57 0.56 16.76
N LEU B 121 15.65 -0.40 16.64
CA LEU B 121 15.97 -1.80 16.33
C LEU B 121 15.93 -2.00 14.83
N ILE B 122 17.09 -1.95 14.20
CA ILE B 122 17.18 -2.12 12.75
C ILE B 122 17.27 -3.58 12.40
N MET B 123 16.14 -4.19 12.09
CA MET B 123 16.14 -5.61 11.76
C MET B 123 16.35 -5.78 10.26
N VAL B 124 17.27 -6.66 9.88
CA VAL B 124 17.56 -6.86 8.47
C VAL B 124 17.42 -8.28 7.93
N ASP B 125 16.66 -8.46 6.86
CA ASP B 125 16.51 -9.79 6.24
C ASP B 125 17.36 -9.78 4.95
N PRO B 126 18.47 -10.56 4.94
CA PRO B 126 19.39 -10.67 3.82
C PRO B 126 18.94 -11.44 2.60
N VAL B 127 17.95 -10.92 1.89
CA VAL B 127 17.46 -11.63 0.71
C VAL B 127 18.45 -11.51 -0.44
N ILE B 128 19.23 -12.58 -0.65
CA ILE B 128 20.26 -12.61 -1.69
C ILE B 128 20.14 -13.81 -2.62
N GLY B 129 19.03 -14.53 -2.55
CA GLY B 129 18.85 -15.70 -3.40
C GLY B 129 17.64 -15.63 -4.31
N ASP B 130 17.88 -15.75 -5.62
CA ASP B 130 16.82 -15.71 -6.63
C ASP B 130 16.22 -17.11 -6.82
N TYR B 136 22.50 -19.31 -7.72
CA TYR B 136 23.54 -18.75 -6.81
C TYR B 136 23.40 -17.23 -6.75
N VAL B 137 23.81 -16.65 -5.62
CA VAL B 137 23.79 -15.21 -5.30
C VAL B 137 23.44 -14.12 -6.34
N LYS B 138 22.95 -13.00 -5.83
CA LYS B 138 22.60 -11.84 -6.65
C LYS B 138 23.86 -10.99 -6.76
N PRO B 139 24.13 -10.43 -7.94
CA PRO B 139 25.31 -9.60 -8.13
C PRO B 139 25.33 -8.28 -7.37
N ASP B 140 26.48 -7.99 -6.78
CA ASP B 140 26.72 -6.77 -6.04
C ASP B 140 25.95 -6.64 -4.71
N LEU B 141 24.82 -7.34 -4.57
CA LEU B 141 24.02 -7.25 -3.35
C LEU B 141 24.73 -7.63 -2.04
N PRO B 142 25.53 -8.71 -2.06
CA PRO B 142 26.24 -9.14 -0.86
C PRO B 142 27.15 -8.08 -0.23
N GLU B 143 28.07 -7.52 -1.03
CA GLU B 143 28.99 -6.51 -0.53
C GLU B 143 28.24 -5.30 0.02
N ALA B 144 27.20 -4.88 -0.68
CA ALA B 144 26.38 -3.76 -0.23
C ALA B 144 25.88 -4.09 1.18
N TYR B 145 25.37 -5.30 1.36
CA TYR B 145 24.90 -5.64 2.69
C TYR B 145 26.02 -5.57 3.72
N ARG B 146 27.15 -6.21 3.42
CA ARG B 146 28.30 -6.26 4.32
C ARG B 146 28.83 -4.90 4.73
N GLN B 147 28.89 -3.99 3.77
CA GLN B 147 29.42 -2.68 4.04
C GLN B 147 28.44 -1.67 4.63
N TYR B 148 27.25 -1.60 4.04
CA TYR B 148 26.23 -0.65 4.46
C TYR B 148 25.26 -1.08 5.54
N LEU B 149 24.49 -2.13 5.28
CA LEU B 149 23.48 -2.58 6.25
C LEU B 149 23.98 -3.38 7.44
N LEU B 150 24.78 -4.40 7.16
CA LEU B 150 25.28 -5.25 8.21
C LEU B 150 25.75 -4.49 9.47
N PRO B 151 26.67 -3.53 9.31
CA PRO B 151 27.19 -2.73 10.43
C PRO B 151 26.14 -2.02 11.26
N LEU B 152 24.96 -1.82 10.69
CA LEU B 152 23.91 -1.12 11.39
C LEU B 152 22.88 -2.06 11.99
N ALA B 153 22.68 -3.19 11.33
CA ALA B 153 21.70 -4.16 11.78
C ALA B 153 21.90 -4.63 13.21
N GLN B 154 20.79 -4.67 13.95
CA GLN B 154 20.77 -5.13 15.33
C GLN B 154 20.35 -6.59 15.31
N GLY B 155 19.60 -6.96 14.28
CA GLY B 155 19.15 -8.33 14.12
C GLY B 155 19.11 -8.73 12.66
N ILE B 156 19.45 -9.97 12.35
CA ILE B 156 19.42 -10.46 10.95
C ILE B 156 18.76 -11.83 10.93
N THR B 157 17.95 -12.07 9.93
CA THR B 157 17.24 -13.33 9.85
C THR B 157 17.61 -14.06 8.59
N PRO B 158 18.87 -14.49 8.51
CA PRO B 158 19.29 -15.21 7.30
C PRO B 158 19.02 -16.70 7.38
N ASN B 159 18.90 -17.32 6.21
CA ASN B 159 18.69 -18.76 6.13
C ASN B 159 20.10 -19.36 5.95
N ILE B 160 20.21 -20.69 5.99
CA ILE B 160 21.51 -21.33 5.82
C ILE B 160 22.27 -20.68 4.64
N PHE B 161 21.70 -20.76 3.45
CA PHE B 161 22.36 -20.20 2.28
C PHE B 161 22.79 -18.75 2.53
N GLU B 162 21.82 -17.90 2.82
CA GLU B 162 22.11 -16.50 3.05
C GLU B 162 23.24 -16.30 4.04
N LEU B 163 23.18 -17.00 5.17
CA LEU B 163 24.22 -16.89 6.17
C LEU B 163 25.58 -17.31 5.61
N GLU B 164 25.57 -18.33 4.74
CA GLU B 164 26.78 -18.84 4.14
C GLU B 164 27.51 -17.86 3.27
N ILE B 165 26.81 -17.26 2.32
CA ILE B 165 27.48 -16.32 1.45
C ILE B 165 27.83 -15.01 2.13
N LEU B 166 26.99 -14.61 3.08
CA LEU B 166 27.18 -13.37 3.81
C LEU B 166 28.37 -13.46 4.76
N THR B 167 28.51 -14.62 5.40
CA THR B 167 29.58 -14.80 6.35
C THR B 167 30.80 -15.45 5.72
N GLY B 168 30.64 -15.88 4.47
CA GLY B 168 31.72 -16.49 3.74
C GLY B 168 32.05 -17.85 4.33
N LYS B 169 31.65 -18.04 5.58
CA LYS B 169 31.89 -19.30 6.26
C LYS B 169 31.06 -20.36 5.59
N ASN B 170 31.36 -21.63 5.84
CA ASN B 170 30.61 -22.66 5.16
C ASN B 170 29.75 -23.55 5.98
N CYS B 171 29.00 -23.04 6.97
CA CYS B 171 28.14 -23.87 7.83
C CYS B 171 27.81 -25.31 7.33
N ARG B 172 28.09 -26.34 8.13
CA ARG B 172 27.75 -27.71 7.71
C ARG B 172 27.01 -28.46 8.84
N ASP B 173 26.95 -27.86 10.02
CA ASP B 173 26.31 -28.51 11.14
C ASP B 173 25.96 -27.41 12.15
N LEU B 174 25.18 -27.76 13.15
CA LEU B 174 24.80 -26.80 14.19
C LEU B 174 25.95 -25.88 14.58
N ASP B 175 26.99 -26.48 15.16
CA ASP B 175 28.15 -25.73 15.61
C ASP B 175 28.62 -24.76 14.56
N SER B 176 28.74 -25.25 13.33
CA SER B 176 29.19 -24.42 12.23
C SER B 176 28.24 -23.23 12.05
N ALA B 177 26.96 -23.52 11.86
CA ALA B 177 25.96 -22.49 11.66
C ALA B 177 25.94 -21.55 12.86
N ILE B 178 26.08 -22.10 14.06
CA ILE B 178 26.08 -21.26 15.24
C ILE B 178 27.33 -20.37 15.28
N ALA B 179 28.46 -20.96 14.88
CA ALA B 179 29.73 -20.27 14.87
C ALA B 179 29.68 -19.09 13.91
N ALA B 180 29.22 -19.32 12.69
CA ALA B 180 29.12 -18.25 11.73
C ALA B 180 28.29 -17.13 12.35
N ALA B 181 27.13 -17.48 12.91
CA ALA B 181 26.25 -16.49 13.54
C ALA B 181 27.07 -15.61 14.48
N LYS B 182 27.80 -16.25 15.39
CA LYS B 182 28.62 -15.54 16.36
C LYS B 182 29.54 -14.52 15.68
N SER B 183 30.21 -14.96 14.62
CA SER B 183 31.14 -14.09 13.92
C SER B 183 30.49 -12.81 13.41
N LEU B 184 29.17 -12.76 13.37
CA LEU B 184 28.48 -11.57 12.88
C LEU B 184 28.08 -10.62 14.00
N LEU B 185 28.01 -11.14 15.22
CA LEU B 185 27.64 -10.34 16.39
C LEU B 185 28.68 -9.24 16.54
N SER B 186 28.36 -8.21 17.33
CA SER B 186 29.28 -7.09 17.54
C SER B 186 28.64 -6.14 18.56
N ASP B 187 29.13 -4.91 18.64
CA ASP B 187 28.55 -3.97 19.59
C ASP B 187 27.14 -3.61 19.13
N THR B 188 26.89 -3.75 17.84
CA THR B 188 25.59 -3.39 17.29
C THR B 188 24.73 -4.61 16.96
N LEU B 189 25.32 -5.59 16.31
CA LEU B 189 24.55 -6.79 15.96
C LEU B 189 24.42 -7.68 17.20
N LYS B 190 23.24 -7.64 17.81
CA LYS B 190 22.93 -8.41 19.02
C LYS B 190 22.38 -9.83 18.79
N TRP B 191 21.84 -10.12 17.61
CA TRP B 191 21.35 -11.47 17.39
C TRP B 191 21.22 -11.91 15.93
N VAL B 192 21.23 -13.21 15.72
CA VAL B 192 21.14 -13.77 14.38
C VAL B 192 20.17 -14.94 14.34
N VAL B 193 19.02 -14.75 13.72
CA VAL B 193 18.06 -15.85 13.65
C VAL B 193 18.23 -16.58 12.33
N VAL B 194 18.88 -17.73 12.38
CA VAL B 194 19.11 -18.50 11.18
C VAL B 194 18.03 -19.54 11.03
N THR B 195 17.52 -19.68 9.82
CA THR B 195 16.44 -20.63 9.54
C THR B 195 16.75 -21.54 8.36
N SER B 196 16.12 -22.69 8.32
CA SER B 196 16.35 -23.62 7.22
C SER B 196 15.16 -24.51 7.02
N ALA B 197 14.73 -24.67 5.77
CA ALA B 197 13.58 -25.51 5.43
C ALA B 197 14.04 -26.89 4.97
N SER B 198 14.12 -27.85 5.90
CA SER B 198 14.57 -29.21 5.57
C SER B 198 13.42 -30.12 5.15
N GLU B 202 4.71 -34.08 0.56
CA GLU B 202 5.81 -34.09 1.56
C GLU B 202 5.45 -33.38 2.88
N ASN B 203 6.49 -33.03 3.64
CA ASN B 203 6.40 -32.30 4.92
C ASN B 203 7.76 -31.63 5.14
N GLN B 204 7.76 -30.31 5.12
CA GLN B 204 9.01 -29.56 5.27
C GLN B 204 9.27 -29.05 6.69
N GLU B 205 10.30 -29.57 7.35
CA GLU B 205 10.62 -29.13 8.72
C GLU B 205 11.27 -27.77 8.65
N MET B 206 10.87 -26.88 9.55
CA MET B 206 11.43 -25.56 9.58
C MET B 206 12.32 -25.47 10.82
N GLN B 207 13.64 -25.55 10.61
CA GLN B 207 14.59 -25.48 11.72
C GLN B 207 15.05 -24.04 11.95
N VAL B 208 14.91 -23.57 13.18
CA VAL B 208 15.31 -22.21 13.51
C VAL B 208 16.30 -22.23 14.67
N VAL B 209 17.37 -21.45 14.53
CA VAL B 209 18.38 -21.38 15.55
C VAL B 209 18.54 -19.92 15.92
N VAL B 210 18.30 -19.58 17.17
CA VAL B 210 18.44 -18.20 17.63
C VAL B 210 19.81 -18.08 18.27
N VAL B 211 20.65 -17.17 17.78
CA VAL B 211 21.98 -17.02 18.34
C VAL B 211 22.24 -15.63 18.89
N THR B 212 22.86 -15.54 20.06
CA THR B 212 23.17 -14.24 20.64
C THR B 212 24.56 -14.30 21.25
N ALA B 213 24.95 -13.24 21.95
CA ALA B 213 26.27 -13.18 22.56
C ALA B 213 26.41 -14.09 23.78
N ASP B 214 25.30 -14.34 24.45
CA ASP B 214 25.31 -15.17 25.66
C ASP B 214 24.33 -16.36 25.67
N SER B 215 23.97 -16.88 24.49
CA SER B 215 23.06 -18.02 24.40
C SER B 215 22.71 -18.50 22.99
N VAL B 216 22.32 -19.77 22.90
CA VAL B 216 21.91 -20.37 21.63
C VAL B 216 20.68 -21.25 21.80
N ASN B 217 19.53 -20.72 21.39
CA ASN B 217 18.27 -21.44 21.51
C ASN B 217 17.85 -22.08 20.18
N VAL B 218 17.07 -23.15 20.27
CA VAL B 218 16.64 -23.80 19.05
C VAL B 218 15.14 -24.08 19.03
N ILE B 219 14.54 -23.91 17.86
CA ILE B 219 13.12 -24.17 17.71
C ILE B 219 12.89 -24.96 16.44
N SER B 220 11.88 -25.81 16.44
CA SER B 220 11.60 -26.64 15.26
C SER B 220 10.13 -26.93 14.99
N HIS B 221 9.62 -26.30 13.94
CA HIS B 221 8.24 -26.47 13.54
C HIS B 221 8.15 -27.33 12.31
N SER B 222 7.06 -28.09 12.18
CA SER B 222 6.85 -28.93 11.00
C SER B 222 6.00 -28.08 10.06
N ARG B 223 6.37 -28.04 8.78
CA ARG B 223 5.61 -27.22 7.83
C ARG B 223 4.95 -27.98 6.67
N VAL B 224 3.86 -27.39 6.19
CA VAL B 224 3.10 -27.92 5.07
C VAL B 224 3.85 -27.59 3.77
N LYS B 225 3.98 -28.58 2.88
CA LYS B 225 4.66 -28.32 1.62
C LYS B 225 3.76 -27.40 0.81
N THR B 226 4.29 -26.27 0.37
CA THR B 226 3.51 -25.31 -0.38
C THR B 226 4.40 -24.44 -1.25
N ASP B 227 3.77 -23.71 -2.17
CA ASP B 227 4.46 -22.79 -3.07
C ASP B 227 4.10 -21.38 -2.65
N LEU B 228 3.54 -21.28 -1.45
CA LEU B 228 3.14 -20.01 -0.88
C LEU B 228 4.37 -19.15 -0.61
N LYS B 229 4.29 -17.90 -1.01
CA LYS B 229 5.39 -16.96 -0.83
C LYS B 229 5.01 -15.93 0.21
N GLY B 230 6.00 -15.20 0.69
CA GLY B 230 5.75 -14.18 1.69
C GLY B 230 5.83 -14.71 3.10
N THR B 231 5.92 -16.03 3.25
CA THR B 231 6.00 -16.59 4.58
C THR B 231 7.15 -16.00 5.36
N GLY B 232 8.24 -15.70 4.66
CA GLY B 232 9.40 -15.13 5.32
C GLY B 232 9.13 -13.70 5.70
N ASP B 233 8.48 -12.98 4.80
CA ASP B 233 8.12 -11.60 5.05
C ASP B 233 7.15 -11.54 6.22
N LEU B 234 6.19 -12.46 6.24
CA LEU B 234 5.17 -12.55 7.28
C LEU B 234 5.84 -12.87 8.62
N PHE B 235 6.77 -13.82 8.59
CA PHE B 235 7.53 -14.20 9.77
C PHE B 235 8.16 -12.93 10.36
N CYS B 236 8.90 -12.20 9.53
CA CYS B 236 9.58 -10.98 9.96
C CYS B 236 8.57 -9.96 10.47
N ALA B 237 7.39 -9.99 9.87
CA ALA B 237 6.36 -9.07 10.28
C ALA B 237 5.97 -9.36 11.73
N GLN B 238 5.73 -10.63 12.05
CA GLN B 238 5.37 -11.06 13.41
C GLN B 238 6.56 -11.12 14.34
N LEU B 239 7.75 -11.20 13.79
CA LEU B 239 8.91 -11.24 14.65
C LEU B 239 9.05 -9.85 15.27
N ILE B 240 9.09 -8.86 14.42
CA ILE B 240 9.27 -7.50 14.88
C ILE B 240 8.15 -7.01 15.78
N SER B 241 6.96 -7.52 15.56
CA SER B 241 5.84 -7.08 16.35
C SER B 241 5.91 -7.68 17.73
N GLY B 242 6.30 -8.95 17.78
CA GLY B 242 6.43 -9.63 19.04
C GLY B 242 7.47 -8.94 19.89
N LEU B 243 8.54 -8.48 19.26
CA LEU B 243 9.62 -7.82 19.97
C LEU B 243 9.25 -6.42 20.46
N LEU B 244 8.66 -5.63 19.59
CA LEU B 244 8.26 -4.29 19.97
C LEU B 244 7.15 -4.37 21.01
N LYS B 245 6.62 -5.58 21.23
CA LYS B 245 5.56 -5.76 22.22
C LYS B 245 6.06 -6.43 23.48
N GLY B 246 7.39 -6.52 23.64
CA GLY B 246 7.94 -7.10 24.84
C GLY B 246 8.38 -8.55 24.86
N LYS B 247 7.88 -9.35 23.93
CA LYS B 247 8.24 -10.77 23.90
C LYS B 247 9.75 -10.95 23.81
N ALA B 248 10.23 -12.05 24.41
CA ALA B 248 11.65 -12.38 24.42
C ALA B 248 11.97 -12.78 23.00
N LEU B 249 13.22 -12.64 22.62
CA LEU B 249 13.63 -12.97 21.26
C LEU B 249 13.15 -14.37 20.90
N THR B 250 13.63 -15.37 21.63
CA THR B 250 13.26 -16.75 21.35
C THR B 250 11.76 -17.02 21.50
N ASP B 251 11.07 -16.14 22.20
CA ASP B 251 9.63 -16.28 22.41
C ASP B 251 8.92 -15.73 21.19
N ALA B 252 9.45 -14.61 20.70
CA ALA B 252 8.95 -13.91 19.54
C ALA B 252 9.22 -14.73 18.28
N VAL B 253 10.31 -15.48 18.29
CA VAL B 253 10.68 -16.30 17.15
C VAL B 253 9.76 -17.49 17.08
N HIS B 254 9.47 -18.07 18.23
CA HIS B 254 8.60 -19.22 18.32
C HIS B 254 7.21 -18.86 17.82
N ARG B 255 6.58 -17.89 18.49
CA ARG B 255 5.24 -17.43 18.13
C ARG B 255 5.15 -17.10 16.64
N ALA B 256 6.03 -16.22 16.17
CA ALA B 256 6.09 -15.81 14.77
C ALA B 256 5.96 -17.02 13.85
N GLY B 257 6.74 -18.06 14.14
CA GLY B 257 6.67 -19.26 13.33
C GLY B 257 5.33 -19.95 13.46
N LEU B 258 4.76 -19.94 14.66
CA LEU B 258 3.45 -20.56 14.85
C LEU B 258 2.43 -19.77 14.04
N ARG B 259 2.55 -18.45 14.08
CA ARG B 259 1.66 -17.56 13.35
C ARG B 259 1.75 -17.83 11.84
N VAL B 260 2.95 -17.90 11.32
CA VAL B 260 3.11 -18.20 9.91
C VAL B 260 2.38 -19.51 9.58
N LEU B 261 2.51 -20.49 10.46
CA LEU B 261 1.87 -21.80 10.26
C LEU B 261 0.36 -21.67 10.29
N GLU B 262 -0.15 -20.89 11.23
CA GLU B 262 -1.58 -20.67 11.36
C GLU B 262 -2.12 -20.01 10.09
N VAL B 263 -1.30 -19.12 9.51
CA VAL B 263 -1.66 -18.40 8.30
C VAL B 263 -1.64 -19.31 7.09
N MET B 264 -0.59 -20.12 6.95
CA MET B 264 -0.50 -21.04 5.82
C MET B 264 -1.63 -22.07 5.84
N ARG B 265 -2.05 -22.49 7.02
CA ARG B 265 -3.14 -23.45 7.11
C ARG B 265 -4.38 -22.74 6.63
N TYR B 266 -4.72 -21.66 7.32
CA TYR B 266 -5.89 -20.85 7.02
C TYR B 266 -5.94 -20.54 5.54
N THR B 267 -4.78 -20.28 4.97
CA THR B 267 -4.68 -19.95 3.55
C THR B 267 -5.01 -21.17 2.71
N GLN B 268 -4.57 -22.34 3.16
CA GLN B 268 -4.85 -23.55 2.41
C GLN B 268 -6.27 -24.04 2.65
N GLN B 269 -6.88 -23.65 3.76
CA GLN B 269 -8.26 -24.08 4.06
C GLN B 269 -9.13 -23.46 2.98
N HIS B 270 -8.92 -22.18 2.72
CA HIS B 270 -9.69 -21.48 1.70
C HIS B 270 -9.09 -21.72 0.33
N GLU B 271 -8.16 -22.66 0.27
CA GLU B 271 -7.50 -23.02 -0.98
C GLU B 271 -7.11 -21.82 -1.84
N SER B 272 -6.21 -21.00 -1.31
CA SER B 272 -5.71 -19.80 -1.97
C SER B 272 -4.23 -19.90 -2.30
N ASP B 273 -3.86 -19.56 -3.53
CA ASP B 273 -2.46 -19.62 -3.93
C ASP B 273 -1.67 -18.43 -3.40
N GLU B 274 -2.34 -17.58 -2.63
CA GLU B 274 -1.68 -16.41 -2.10
C GLU B 274 -2.14 -16.31 -0.65
N LEU B 275 -1.22 -15.99 0.24
CA LEU B 275 -1.55 -15.89 1.67
C LEU B 275 -2.73 -14.98 2.01
N ILE B 276 -3.47 -15.38 3.03
CA ILE B 276 -4.61 -14.62 3.48
C ILE B 276 -4.54 -14.51 5.00
N LEU B 277 -4.52 -13.31 5.55
CA LEU B 277 -4.44 -13.19 7.00
C LEU B 277 -5.72 -13.40 7.76
N PRO B 278 -5.75 -14.39 8.67
CA PRO B 278 -6.92 -14.69 9.49
C PRO B 278 -6.78 -13.87 10.79
N PRO B 279 -7.91 -13.53 11.44
CA PRO B 279 -7.84 -12.74 12.68
C PRO B 279 -6.73 -13.17 13.62
N LEU B 280 -6.10 -12.19 14.25
CA LEU B 280 -5.00 -12.42 15.18
C LEU B 280 -5.41 -12.02 16.58
#